data_5HY3
#
_entry.id   5HY3
#
_cell.length_a   112.431
_cell.length_b   112.431
_cell.length_c   95.083
_cell.angle_alpha   90.00
_cell.angle_beta   90.00
_cell.angle_gamma   90.00
#
_symmetry.space_group_name_H-M   'P 41 21 2'
#
loop_
_entity.id
_entity.type
_entity.pdbx_description
1 polymer 'mRNA endoribonuclease LsoA'
2 polymer 'Antitoxin Dmd'
#
loop_
_entity_poly.entity_id
_entity_poly.type
_entity_poly.pdbx_seq_one_letter_code
_entity_poly.pdbx_strand_id
1 'polypeptide(L)'
;MAQNPFKALNINIDKIESALTQNGVTNYSSNVKNERETHISGTYKGIDFLIKLMPSGGNTTIGRASGQNNTYFDEIALII
KENCLYSDTKNFEYTIPKFSDDDRANLFEFLSEEGITITEDNNNDPNCKHQYIMTTSNGDRVRAKIYKRGSIQFQGKYLQ
IASLINDFMCSILNMKEIVEQKNKEFNVDIKKETIESELHSKLPKSIDKIHEDIKKQLSCSLIMKKIDVEMEDYSTYCFS
ALRAIEGFIYQILNDVCNPSSSKNLGEYFTENKPKYIIREIHQETINGEIAEVLCECYTYWHENRHGLFHMKPGIADTKT
INKLESIAIIDTVCQLIDGGVARLKL
;
A
2 'polypeptide(L)' MELVKVVFMGWFKNESMFTKEITMMKDDVQWATTQYAEVNKALVKAFIDDKKVCEVDCRG B
#
# COMPACT_ATOMS: atom_id res chain seq x y z
N LYS A 90 -10.77 11.25 11.47
CA LYS A 90 -9.44 10.70 11.32
C LYS A 90 -8.51 11.67 10.65
N ASN A 91 -7.24 11.56 10.98
CA ASN A 91 -6.24 12.50 10.52
C ASN A 91 -4.99 11.76 10.11
N PHE A 92 -4.09 12.45 9.43
CA PHE A 92 -2.83 11.85 9.08
C PHE A 92 -1.79 12.90 8.76
N GLU A 93 -0.54 12.52 8.78
CA GLU A 93 0.53 13.40 8.35
C GLU A 93 1.51 12.52 7.68
N TYR A 94 2.00 12.92 6.54
CA TYR A 94 3.02 12.16 5.90
C TYR A 94 4.14 13.06 5.46
N THR A 95 5.37 12.81 5.88
CA THR A 95 6.44 13.71 5.50
C THR A 95 7.36 13.07 4.50
N ILE A 96 7.44 13.64 3.32
CA ILE A 96 8.19 13.06 2.24
C ILE A 96 9.44 13.84 2.00
N PRO A 97 10.55 13.15 2.12
CA PRO A 97 11.89 13.69 1.87
C PRO A 97 12.11 13.85 0.40
N LYS A 98 12.84 14.86 -0.05
CA LYS A 98 12.99 15.04 -1.49
C LYS A 98 11.63 15.34 -2.10
N PHE A 99 11.41 14.89 -3.34
CA PHE A 99 10.11 14.95 -4.05
C PHE A 99 9.88 16.08 -5.07
N SER A 100 9.45 15.69 -6.26
CA SER A 100 8.97 16.59 -7.28
C SER A 100 10.06 17.38 -7.91
N ASP A 101 10.71 18.18 -7.06
CA ASP A 101 11.68 19.16 -7.51
C ASP A 101 10.90 20.04 -8.48
N ASP A 102 9.59 20.07 -8.18
CA ASP A 102 8.56 20.62 -9.02
C ASP A 102 7.94 19.59 -9.93
N ASP A 103 8.75 18.84 -10.63
CA ASP A 103 8.19 18.07 -11.71
C ASP A 103 7.19 17.12 -11.11
N ARG A 104 7.61 16.43 -10.08
CA ARG A 104 6.73 15.46 -9.49
C ARG A 104 5.50 16.11 -8.90
N ALA A 105 5.69 17.25 -8.24
CA ALA A 105 4.59 17.89 -7.57
C ALA A 105 3.47 18.33 -8.50
N ASN A 106 3.81 19.13 -9.49
CA ASN A 106 2.79 19.56 -10.43
C ASN A 106 2.30 18.35 -11.17
N LEU A 107 3.24 17.44 -11.33
CA LEU A 107 3.05 16.18 -12.00
C LEU A 107 1.99 15.48 -11.20
N PHE A 108 2.20 15.50 -9.91
CA PHE A 108 1.40 14.80 -8.95
C PHE A 108 0.01 15.34 -8.98
N GLU A 109 -0.09 16.65 -9.03
CA GLU A 109 -1.37 17.30 -8.85
C GLU A 109 -2.40 16.93 -9.87
N PHE A 110 -2.02 16.63 -11.11
CA PHE A 110 -3.04 16.43 -12.11
C PHE A 110 -3.92 15.31 -11.65
N LEU A 111 -3.27 14.25 -11.22
CA LEU A 111 -3.95 12.99 -11.02
C LEU A 111 -4.98 13.27 -9.99
N SER A 112 -4.56 14.01 -8.99
CA SER A 112 -5.49 14.41 -7.96
C SER A 112 -6.55 15.27 -8.61
N GLU A 113 -6.24 15.65 -9.84
CA GLU A 113 -7.06 16.58 -10.55
C GLU A 113 -8.38 15.88 -10.62
N GLU A 114 -8.34 14.60 -10.96
CA GLU A 114 -9.57 13.84 -11.01
C GLU A 114 -9.77 13.07 -9.71
N GLY A 115 -10.65 13.56 -8.85
CA GLY A 115 -11.10 14.93 -8.96
C GLY A 115 -11.16 15.61 -7.61
N ILE A 116 -10.21 16.47 -7.33
CA ILE A 116 -10.27 17.25 -6.12
C ILE A 116 -9.79 18.64 -6.41
N THR A 117 -10.13 19.54 -5.52
CA THR A 117 -9.90 20.94 -5.72
C THR A 117 -8.71 21.33 -4.90
N ILE A 118 -7.76 21.97 -5.53
CA ILE A 118 -6.55 22.39 -4.89
C ILE A 118 -6.44 23.87 -5.08
N THR A 119 -6.07 24.60 -4.03
CA THR A 119 -5.90 26.04 -4.10
C THR A 119 -4.76 26.50 -3.23
N GLU A 120 -4.05 27.53 -3.63
CA GLU A 120 -2.95 28.02 -2.82
C GLU A 120 -3.53 28.64 -1.60
N ASP A 121 -2.74 28.69 -0.54
CA ASP A 121 -3.18 29.29 0.70
C ASP A 121 -2.03 30.10 1.27
N ASN A 122 -2.36 30.95 2.22
CA ASN A 122 -1.38 31.87 2.78
C ASN A 122 -0.28 31.13 3.51
N ASN A 123 0.97 31.43 3.19
CA ASN A 123 2.09 30.77 3.84
C ASN A 123 2.55 31.72 4.91
N ASN A 124 2.63 31.24 6.13
CA ASN A 124 3.11 32.07 7.20
C ASN A 124 4.60 31.85 7.37
N ASP A 125 4.99 31.26 8.48
CA ASP A 125 6.40 31.14 8.78
C ASP A 125 7.01 30.33 7.64
N PRO A 126 8.21 30.71 7.22
CA PRO A 126 8.58 30.51 5.84
C PRO A 126 9.92 29.85 5.55
N ASN A 127 9.97 28.57 5.87
CA ASN A 127 10.82 27.64 5.17
C ASN A 127 10.02 27.01 4.03
N CYS A 128 8.77 27.45 3.88
CA CYS A 128 7.86 26.84 2.95
C CYS A 128 7.48 27.76 1.79
N LYS A 129 7.77 27.32 0.57
CA LYS A 129 7.44 28.07 -0.63
C LYS A 129 5.97 28.20 -0.81
N HIS A 130 5.24 27.12 -0.60
CA HIS A 130 3.81 27.15 -0.84
C HIS A 130 3.02 26.35 0.14
N GLN A 131 1.75 26.71 0.26
CA GLN A 131 0.82 26.03 1.12
C GLN A 131 -0.42 25.85 0.30
N TYR A 132 -1.01 24.66 0.30
CA TYR A 132 -2.14 24.41 -0.54
C TYR A 132 -3.22 23.78 0.26
N ILE A 133 -4.44 23.86 -0.24
CA ILE A 133 -5.55 23.19 0.39
C ILE A 133 -6.20 22.29 -0.62
N MET A 134 -6.39 21.03 -0.25
CA MET A 134 -6.88 20.06 -1.18
C MET A 134 -8.22 19.63 -0.68
N THR A 135 -9.23 19.66 -1.55
CA THR A 135 -10.61 19.68 -1.13
C THR A 135 -11.48 18.73 -1.87
N THR A 136 -12.66 18.53 -1.31
CA THR A 136 -13.57 17.57 -1.85
C THR A 136 -14.97 17.92 -1.48
N SER A 137 -15.88 17.29 -2.18
CA SER A 137 -17.28 17.52 -1.99
C SER A 137 -17.61 17.12 -0.57
N ASN A 138 -17.04 16.01 -0.14
CA ASN A 138 -17.34 15.50 1.18
C ASN A 138 -16.93 16.44 2.28
N GLY A 139 -15.77 17.06 2.13
CA GLY A 139 -15.25 17.95 3.15
C GLY A 139 -13.84 17.58 3.57
N ASP A 140 -12.99 17.23 2.62
CA ASP A 140 -11.59 16.96 2.89
C ASP A 140 -10.72 18.20 2.98
N ARG A 141 -9.57 18.04 3.59
CA ARG A 141 -8.65 19.14 3.70
C ARG A 141 -7.27 18.55 3.68
N VAL A 142 -6.28 19.35 3.31
CA VAL A 142 -4.92 18.88 3.33
C VAL A 142 -3.92 20.00 3.40
N ARG A 143 -2.66 19.74 3.06
CA ARG A 143 -1.63 20.73 3.31
C ARG A 143 -0.37 20.66 2.46
N ALA A 144 0.66 21.38 2.89
CA ALA A 144 1.94 21.40 2.20
C ALA A 144 2.93 22.20 3.02
N LYS A 145 4.19 22.30 2.60
CA LYS A 145 4.70 21.76 1.37
C LYS A 145 6.23 21.81 1.49
N ILE A 146 6.81 23.01 1.39
CA ILE A 146 8.22 23.23 1.70
C ILE A 146 9.17 22.93 0.56
N SER A 151 10.74 16.41 1.42
CA SER A 151 10.70 17.85 1.57
C SER A 151 9.30 18.33 1.32
N ILE A 152 8.32 17.54 1.73
CA ILE A 152 6.94 17.96 1.62
C ILE A 152 6.09 17.29 2.68
N GLN A 153 5.01 17.93 3.07
CA GLN A 153 4.18 17.40 4.13
C GLN A 153 2.72 17.58 3.84
N PHE A 154 1.94 16.61 4.28
CA PHE A 154 0.52 16.67 4.17
C PHE A 154 -0.03 16.44 5.55
N GLN A 155 -1.11 17.10 5.89
CA GLN A 155 -1.88 16.75 7.04
C GLN A 155 -3.27 16.86 6.53
N GLY A 156 -4.14 15.93 6.89
CA GLY A 156 -5.45 15.95 6.27
C GLY A 156 -6.54 15.38 7.12
N LYS A 157 -7.74 15.85 6.88
CA LYS A 157 -8.92 15.44 7.61
C LYS A 157 -9.32 14.00 7.40
N TYR A 158 -9.32 13.57 6.14
CA TYR A 158 -9.83 12.26 5.82
C TYR A 158 -8.78 11.46 5.07
N LEU A 159 -8.93 10.15 5.11
CA LEU A 159 -7.97 9.26 4.49
C LEU A 159 -7.88 9.33 2.98
N GLN A 160 -8.96 9.73 2.31
CA GLN A 160 -9.13 9.49 0.88
C GLN A 160 -8.05 10.11 0.01
N ILE A 161 -7.69 11.35 0.27
CA ILE A 161 -6.58 11.92 -0.45
C ILE A 161 -5.38 11.07 -0.15
N ALA A 162 -5.41 10.43 1.00
CA ALA A 162 -4.26 9.71 1.45
C ALA A 162 -3.95 8.63 0.45
N SER A 163 -4.97 7.92 0.02
CA SER A 163 -4.80 6.82 -0.92
C SER A 163 -4.25 7.28 -2.24
N LEU A 164 -4.79 8.38 -2.73
CA LEU A 164 -4.43 8.87 -4.03
C LEU A 164 -2.99 9.25 -4.03
N ILE A 165 -2.54 9.87 -2.97
CA ILE A 165 -1.17 10.27 -2.92
C ILE A 165 -0.31 9.03 -2.97
N ASN A 166 -0.75 8.00 -2.28
CA ASN A 166 -0.02 6.75 -2.29
C ASN A 166 0.05 6.04 -3.62
N ASP A 167 -1.06 6.00 -4.34
CA ASP A 167 -1.06 5.27 -5.58
C ASP A 167 -0.06 5.92 -6.48
N PHE A 168 -0.01 7.23 -6.44
CA PHE A 168 0.86 7.93 -7.32
C PHE A 168 2.28 7.52 -7.06
N MET A 169 2.67 7.49 -5.80
CA MET A 169 4.04 7.26 -5.48
C MET A 169 4.46 5.93 -6.03
N CYS A 170 3.52 5.00 -6.12
CA CYS A 170 3.78 3.72 -6.75
C CYS A 170 4.07 4.03 -8.19
N SER A 171 3.33 5.00 -8.70
CA SER A 171 3.38 5.40 -10.09
C SER A 171 4.74 5.92 -10.44
N ILE A 172 5.34 6.67 -9.52
CA ILE A 172 6.68 7.19 -9.71
C ILE A 172 7.58 6.00 -9.89
N LEU A 173 7.09 4.92 -9.33
CA LEU A 173 7.87 3.75 -9.06
C LEU A 173 8.48 3.32 -10.37
N ASN A 174 9.79 3.12 -10.37
CA ASN A 174 10.47 2.65 -11.56
C ASN A 174 11.23 1.37 -11.28
N MET A 175 10.97 0.35 -12.06
CA MET A 175 11.63 -0.93 -11.83
C MET A 175 13.12 -0.88 -12.02
N LYS A 176 13.56 -0.27 -13.09
CA LYS A 176 14.98 -0.30 -13.46
C LYS A 176 15.75 0.30 -12.31
N GLU A 177 15.05 1.23 -11.74
CA GLU A 177 15.52 2.20 -10.85
C GLU A 177 16.05 1.50 -9.62
N ILE A 178 15.31 0.54 -9.12
CA ILE A 178 15.63 -0.11 -7.85
C ILE A 178 16.96 -0.79 -7.96
N VAL A 179 17.21 -1.31 -9.14
CA VAL A 179 18.15 -2.37 -9.31
C VAL A 179 19.50 -1.95 -8.84
N GLU A 180 19.87 -0.72 -9.15
CA GLU A 180 21.20 -0.26 -8.81
C GLU A 180 21.32 -0.33 -7.31
N GLN A 181 20.23 0.01 -6.63
CA GLN A 181 20.26 0.16 -5.20
C GLN A 181 20.61 -1.13 -4.50
N LYS A 182 20.02 -2.23 -4.93
CA LYS A 182 20.18 -3.45 -4.17
C LYS A 182 21.61 -3.94 -4.13
N ASN A 183 22.23 -3.95 -5.29
CA ASN A 183 23.57 -4.48 -5.41
C ASN A 183 24.39 -3.63 -4.51
N LYS A 184 24.13 -2.33 -4.60
CA LYS A 184 24.82 -1.39 -3.76
C LYS A 184 24.45 -1.81 -2.36
N GLU A 185 23.21 -2.22 -2.20
CA GLU A 185 22.84 -2.92 -1.01
C GLU A 185 23.56 -4.24 -0.97
N PHE A 186 23.71 -4.86 -2.12
CA PHE A 186 24.23 -6.19 -2.10
C PHE A 186 25.27 -6.46 -3.14
N ASN A 187 26.04 -7.50 -2.89
CA ASN A 187 27.08 -7.85 -3.82
C ASN A 187 26.42 -8.17 -5.11
N VAL A 188 25.26 -8.80 -5.00
CA VAL A 188 24.64 -9.44 -6.13
C VAL A 188 24.38 -8.47 -7.25
N ASP A 189 24.56 -8.94 -8.48
CA ASP A 189 24.25 -8.18 -9.67
C ASP A 189 23.07 -8.81 -10.40
N ILE A 190 22.07 -8.01 -10.73
CA ILE A 190 20.85 -8.55 -11.30
C ILE A 190 20.50 -8.00 -12.66
N LYS A 191 20.19 -8.88 -13.58
CA LYS A 191 19.61 -8.43 -14.81
C LYS A 191 18.15 -8.27 -14.50
N LYS A 192 17.67 -7.05 -14.56
CA LYS A 192 16.30 -6.79 -14.20
C LYS A 192 15.44 -7.58 -15.13
N GLU A 193 15.88 -7.66 -16.38
CA GLU A 193 15.09 -8.26 -17.42
C GLU A 193 14.92 -9.73 -17.13
N THR A 194 15.71 -10.21 -16.19
CA THR A 194 15.61 -11.56 -15.70
C THR A 194 14.30 -11.82 -15.02
N ILE A 195 13.90 -10.91 -14.15
CA ILE A 195 12.79 -11.16 -13.26
C ILE A 195 11.53 -11.43 -14.02
N GLU A 196 11.33 -10.68 -15.07
CA GLU A 196 10.09 -10.76 -15.79
C GLU A 196 9.98 -12.22 -16.19
N SER A 197 11.12 -12.83 -16.41
CA SER A 197 11.10 -14.21 -16.73
C SER A 197 10.49 -14.84 -15.54
N GLU A 198 11.00 -14.49 -14.37
CA GLU A 198 10.42 -15.03 -13.18
C GLU A 198 9.00 -14.53 -13.03
N LEU A 199 8.82 -13.26 -13.26
CA LEU A 199 7.51 -12.68 -13.12
C LEU A 199 6.52 -13.21 -14.13
N HIS A 200 6.96 -13.30 -15.36
CA HIS A 200 6.11 -13.79 -16.42
C HIS A 200 5.79 -15.20 -16.08
N SER A 201 6.77 -15.88 -15.53
CA SER A 201 6.65 -17.27 -15.21
C SER A 201 5.55 -17.39 -14.20
N LYS A 202 5.52 -16.43 -13.29
CA LYS A 202 4.51 -16.36 -12.25
C LYS A 202 3.09 -16.11 -12.69
N LEU A 203 2.92 -15.30 -13.72
CA LEU A 203 1.61 -14.93 -14.21
C LEU A 203 1.54 -15.15 -15.69
N PRO A 204 1.52 -16.40 -16.06
CA PRO A 204 1.66 -16.79 -17.44
C PRO A 204 0.54 -16.21 -18.26
N LYS A 205 -0.67 -16.25 -17.76
CA LYS A 205 -1.78 -15.74 -18.53
C LYS A 205 -2.22 -14.34 -18.17
N SER A 206 -1.56 -13.72 -17.21
CA SER A 206 -2.02 -12.43 -16.73
C SER A 206 -1.04 -11.31 -16.93
N ILE A 207 0.05 -11.58 -17.62
CA ILE A 207 1.13 -10.65 -17.58
C ILE A 207 0.73 -9.33 -18.16
N ASP A 208 0.06 -9.35 -19.29
CA ASP A 208 -0.22 -8.12 -19.97
C ASP A 208 -1.61 -7.63 -19.74
N LYS A 209 -2.35 -8.29 -18.87
CA LYS A 209 -3.72 -7.89 -18.60
C LYS A 209 -3.95 -7.19 -17.29
N ILE A 210 -2.89 -6.76 -16.63
CA ILE A 210 -3.04 -6.13 -15.34
C ILE A 210 -2.23 -4.88 -15.30
N HIS A 211 -2.62 -3.95 -14.45
CA HIS A 211 -2.03 -2.64 -14.46
C HIS A 211 -0.57 -2.73 -14.10
N GLU A 212 0.23 -1.81 -14.61
CA GLU A 212 1.65 -1.89 -14.42
C GLU A 212 1.94 -1.73 -12.98
N ASP A 213 1.07 -1.03 -12.30
CA ASP A 213 1.33 -0.66 -10.94
C ASP A 213 1.46 -1.90 -10.15
N ILE A 214 0.60 -2.86 -10.44
CA ILE A 214 0.59 -4.12 -9.74
C ILE A 214 1.85 -4.88 -9.96
N LYS A 215 2.30 -4.88 -11.20
CA LYS A 215 3.41 -5.68 -11.53
C LYS A 215 4.53 -5.21 -10.69
N LYS A 216 4.62 -3.92 -10.55
CA LYS A 216 5.76 -3.36 -9.92
C LYS A 216 5.83 -3.85 -8.52
N GLN A 217 4.70 -3.91 -7.84
CA GLN A 217 4.73 -4.41 -6.49
C GLN A 217 5.14 -5.86 -6.47
N LEU A 218 4.58 -6.67 -7.35
CA LEU A 218 4.90 -8.10 -7.37
C LEU A 218 6.33 -8.35 -7.69
N SER A 219 6.85 -7.58 -8.61
CA SER A 219 8.22 -7.73 -9.01
C SER A 219 9.06 -7.43 -7.81
N CYS A 220 8.65 -6.48 -7.02
CA CYS A 220 9.42 -6.13 -5.85
C CYS A 220 9.48 -7.29 -4.88
N SER A 221 8.38 -8.00 -4.75
CA SER A 221 8.29 -9.11 -3.84
C SER A 221 9.16 -10.26 -4.27
N LEU A 222 9.45 -10.33 -5.55
CA LEU A 222 10.15 -11.47 -6.08
C LEU A 222 11.64 -11.30 -5.96
N ILE A 223 12.04 -10.19 -5.37
CA ILE A 223 13.44 -9.94 -5.22
C ILE A 223 14.01 -11.04 -4.38
N MET A 224 13.17 -11.56 -3.51
CA MET A 224 13.61 -12.48 -2.49
C MET A 224 14.20 -13.71 -3.13
N LYS A 225 13.62 -14.17 -4.22
CA LYS A 225 14.10 -15.37 -4.87
C LYS A 225 15.51 -15.19 -5.41
N LYS A 226 15.80 -14.00 -5.92
CA LYS A 226 17.12 -13.64 -6.43
C LYS A 226 18.26 -13.61 -5.41
N ILE A 227 17.97 -13.28 -4.16
CA ILE A 227 19.05 -13.09 -3.18
C ILE A 227 19.30 -14.31 -2.29
N ASP A 228 20.50 -14.85 -2.43
CA ASP A 228 20.94 -16.00 -1.64
C ASP A 228 21.08 -15.71 -0.15
N VAL A 229 21.48 -14.51 0.21
CA VAL A 229 21.79 -14.26 1.61
C VAL A 229 20.57 -14.55 2.42
N GLU A 230 20.72 -15.25 3.54
CA GLU A 230 19.59 -15.45 4.44
C GLU A 230 19.26 -14.13 5.13
N MET A 231 18.03 -13.95 5.59
CA MET A 231 17.64 -12.69 6.19
C MET A 231 16.75 -12.76 7.41
N GLU A 232 16.81 -11.72 8.22
CA GLU A 232 16.11 -11.69 9.49
C GLU A 232 14.60 -11.69 9.36
N ASP A 233 14.11 -10.91 8.41
CA ASP A 233 12.69 -10.69 8.29
C ASP A 233 12.34 -10.69 6.83
N TYR A 234 11.30 -11.42 6.47
CA TYR A 234 10.82 -11.39 5.11
C TYR A 234 9.52 -10.66 4.93
N SER A 235 9.05 -10.02 5.98
CA SER A 235 7.71 -9.49 5.98
C SER A 235 7.53 -8.52 4.88
N THR A 236 8.59 -7.86 4.52
CA THR A 236 8.46 -6.82 3.55
C THR A 236 7.97 -7.42 2.28
N TYR A 237 8.40 -8.63 1.99
CA TYR A 237 8.01 -9.28 0.77
C TYR A 237 6.54 -9.54 0.70
N CYS A 238 5.95 -9.86 1.82
CA CYS A 238 4.53 -10.02 1.91
C CYS A 238 3.85 -8.73 1.63
N PHE A 239 4.44 -7.68 2.12
CA PHE A 239 3.78 -6.42 2.04
C PHE A 239 3.59 -6.07 0.60
N SER A 240 4.59 -6.32 -0.21
CA SER A 240 4.46 -6.06 -1.60
C SER A 240 3.38 -6.94 -2.15
N ALA A 241 3.35 -8.18 -1.74
CA ALA A 241 2.41 -9.09 -2.31
C ALA A 241 1.07 -8.57 -2.02
N LEU A 242 0.84 -8.20 -0.79
CA LEU A 242 -0.46 -7.81 -0.36
C LEU A 242 -0.88 -6.60 -1.11
N ARG A 243 0.06 -5.73 -1.38
CA ARG A 243 -0.26 -4.51 -2.07
C ARG A 243 -0.75 -4.83 -3.44
N ALA A 244 -0.10 -5.77 -4.10
CA ALA A 244 -0.49 -6.08 -5.44
C ALA A 244 -1.90 -6.57 -5.48
N ILE A 245 -2.21 -7.51 -4.63
CA ILE A 245 -3.52 -8.09 -4.67
C ILE A 245 -4.53 -7.03 -4.41
N GLU A 246 -4.18 -6.11 -3.54
CA GLU A 246 -5.12 -5.07 -3.18
C GLU A 246 -5.43 -4.29 -4.41
N GLY A 247 -4.42 -3.96 -5.17
CA GLY A 247 -4.63 -3.21 -6.38
C GLY A 247 -5.46 -3.99 -7.35
N PHE A 248 -5.23 -5.29 -7.39
CA PHE A 248 -5.88 -6.13 -8.34
C PHE A 248 -7.33 -6.04 -8.07
N ILE A 249 -7.71 -5.97 -6.81
CA ILE A 249 -9.10 -5.90 -6.51
C ILE A 249 -9.72 -4.63 -7.05
N TYR A 250 -9.01 -3.54 -6.95
CA TYR A 250 -9.53 -2.30 -7.46
C TYR A 250 -9.71 -2.41 -8.94
N GLN A 251 -8.75 -3.02 -9.60
CA GLN A 251 -8.74 -2.98 -11.03
C GLN A 251 -10.03 -3.59 -11.47
N ILE A 252 -10.41 -4.70 -10.86
CA ILE A 252 -11.68 -5.29 -11.18
C ILE A 252 -12.78 -4.39 -10.75
N LEU A 253 -12.67 -3.87 -9.56
CA LEU A 253 -13.77 -3.12 -9.01
C LEU A 253 -13.94 -1.96 -9.91
N ASN A 254 -12.84 -1.37 -10.30
CA ASN A 254 -12.89 -0.14 -11.04
C ASN A 254 -13.60 -0.35 -12.34
N ASP A 255 -13.27 -1.39 -13.06
CA ASP A 255 -13.94 -1.65 -14.31
C ASP A 255 -15.39 -2.00 -14.14
N VAL A 256 -15.67 -2.95 -13.25
CA VAL A 256 -17.03 -3.41 -13.05
C VAL A 256 -17.99 -2.37 -12.51
N CYS A 257 -17.57 -1.58 -11.55
CA CYS A 257 -18.36 -0.44 -11.16
C CYS A 257 -17.52 0.80 -11.21
N ASN A 258 -17.85 1.74 -12.07
CA ASN A 258 -17.07 2.96 -12.13
C ASN A 258 -17.76 4.06 -11.33
N PRO A 259 -17.23 4.29 -10.15
CA PRO A 259 -17.91 5.11 -9.14
C PRO A 259 -17.17 6.38 -8.90
N SER A 260 -17.92 7.46 -8.75
CA SER A 260 -17.34 8.75 -8.42
C SER A 260 -16.69 8.64 -7.06
N SER A 261 -17.31 7.89 -6.19
CA SER A 261 -17.02 7.90 -4.76
C SER A 261 -15.60 7.50 -4.39
N SER A 262 -15.03 6.55 -5.10
CA SER A 262 -13.67 6.18 -4.81
C SER A 262 -13.47 5.82 -3.34
N LYS A 263 -14.27 4.88 -2.87
CA LYS A 263 -14.22 4.41 -1.49
C LYS A 263 -13.24 3.25 -1.28
N ASN A 264 -13.57 2.39 -0.33
CA ASN A 264 -12.64 1.42 0.17
C ASN A 264 -13.14 0.01 0.09
N LEU A 265 -12.20 -0.92 0.09
CA LEU A 265 -12.41 -2.30 -0.27
C LEU A 265 -13.42 -2.93 0.63
N GLY A 266 -13.38 -2.57 1.88
CA GLY A 266 -14.28 -3.15 2.84
C GLY A 266 -15.68 -2.83 2.42
N GLU A 267 -15.80 -1.70 1.78
CA GLU A 267 -17.09 -1.16 1.53
C GLU A 267 -17.85 -2.11 0.68
N TYR A 268 -17.16 -2.75 -0.25
CA TYR A 268 -17.85 -3.60 -1.17
C TYR A 268 -18.18 -4.96 -0.59
N PHE A 269 -17.63 -5.28 0.56
CA PHE A 269 -17.59 -6.64 1.02
C PHE A 269 -18.26 -6.81 2.32
N THR A 270 -18.78 -8.01 2.55
CA THR A 270 -19.45 -8.32 3.78
C THR A 270 -19.02 -9.68 4.29
N GLU A 271 -19.33 -9.94 5.55
CA GLU A 271 -18.68 -10.98 6.31
C GLU A 271 -19.53 -12.22 6.39
N ASN A 272 -18.97 -13.33 5.93
CA ASN A 272 -19.57 -14.60 6.23
C ASN A 272 -18.50 -15.56 6.66
N LYS A 273 -18.89 -16.56 7.45
CA LYS A 273 -17.97 -17.32 8.28
C LYS A 273 -16.87 -18.00 7.50
N PRO A 274 -17.15 -18.31 6.25
CA PRO A 274 -16.15 -18.75 5.31
C PRO A 274 -15.72 -17.59 4.43
N LYS A 275 -15.67 -17.79 3.13
CA LYS A 275 -15.23 -16.74 2.24
C LYS A 275 -16.18 -15.58 2.40
N TYR A 276 -15.66 -14.37 2.23
CA TYR A 276 -16.39 -13.15 2.43
C TYR A 276 -17.36 -13.03 1.27
N ILE A 277 -18.35 -12.15 1.40
CA ILE A 277 -19.30 -11.91 0.32
C ILE A 277 -19.60 -10.45 0.06
N ILE A 278 -20.09 -10.19 -1.13
CA ILE A 278 -20.37 -8.84 -1.56
C ILE A 278 -21.46 -8.29 -0.70
N ARG A 279 -21.39 -6.99 -0.44
CA ARG A 279 -22.41 -6.39 0.35
C ARG A 279 -23.61 -6.55 -0.49
N GLU A 280 -24.76 -6.62 0.14
CA GLU A 280 -26.00 -6.85 -0.56
C GLU A 280 -26.25 -5.71 -1.49
N ILE A 281 -25.84 -4.53 -1.09
CA ILE A 281 -26.15 -3.37 -1.84
C ILE A 281 -25.54 -3.47 -3.22
N HIS A 282 -24.37 -4.05 -3.32
CA HIS A 282 -23.70 -4.11 -4.60
C HIS A 282 -23.95 -5.36 -5.40
N GLN A 283 -24.68 -6.29 -4.82
CA GLN A 283 -24.81 -7.59 -5.41
C GLN A 283 -25.52 -7.47 -6.73
N GLU A 284 -26.25 -6.40 -6.92
CA GLU A 284 -26.95 -6.26 -8.17
C GLU A 284 -25.94 -6.11 -9.27
N THR A 285 -25.12 -5.10 -9.12
CA THR A 285 -24.06 -4.82 -10.04
C THR A 285 -22.94 -5.83 -10.13
N ILE A 286 -22.48 -6.35 -9.01
CA ILE A 286 -21.30 -7.19 -9.08
C ILE A 286 -21.63 -8.62 -9.40
N ASN A 287 -22.13 -9.37 -8.45
CA ASN A 287 -23.01 -10.47 -8.75
C ASN A 287 -22.53 -11.41 -9.81
N GLY A 288 -21.28 -11.81 -9.76
CA GLY A 288 -20.75 -12.60 -10.85
C GLY A 288 -20.14 -13.92 -10.51
N GLU A 289 -19.40 -14.46 -11.45
CA GLU A 289 -18.16 -15.14 -11.25
C GLU A 289 -17.12 -14.09 -10.93
N ILE A 290 -17.41 -12.84 -11.27
CA ILE A 290 -16.54 -11.75 -10.94
C ILE A 290 -16.53 -11.67 -9.45
N ALA A 291 -17.67 -11.86 -8.84
CA ALA A 291 -17.74 -11.76 -7.42
C ALA A 291 -16.88 -12.79 -6.80
N GLU A 292 -16.92 -13.98 -7.32
CA GLU A 292 -16.17 -15.03 -6.72
C GLU A 292 -14.70 -14.73 -6.78
N VAL A 293 -14.25 -14.23 -7.89
CA VAL A 293 -12.87 -13.89 -7.97
C VAL A 293 -12.61 -12.81 -6.95
N LEU A 294 -13.49 -11.84 -6.83
CA LEU A 294 -13.21 -10.77 -5.92
C LEU A 294 -13.10 -11.27 -4.52
N CYS A 295 -14.05 -12.08 -4.12
CA CYS A 295 -14.08 -12.63 -2.79
C CYS A 295 -12.96 -13.56 -2.48
N GLU A 296 -12.52 -14.31 -3.46
CA GLU A 296 -11.44 -15.21 -3.22
C GLU A 296 -10.25 -14.38 -2.88
N CYS A 297 -10.01 -13.36 -3.67
CA CYS A 297 -8.90 -12.48 -3.44
C CYS A 297 -9.00 -11.68 -2.19
N TYR A 298 -10.14 -11.08 -1.94
CA TYR A 298 -10.26 -10.23 -0.80
C TYR A 298 -10.00 -11.01 0.43
N THR A 299 -10.53 -12.19 0.48
CA THR A 299 -10.43 -12.98 1.67
C THR A 299 -8.99 -13.27 1.96
N TYR A 300 -8.20 -13.58 0.96
CA TYR A 300 -6.81 -13.82 1.19
C TYR A 300 -6.10 -12.60 1.70
N TRP A 301 -6.38 -11.47 1.10
CA TRP A 301 -5.77 -10.26 1.53
C TRP A 301 -6.18 -9.91 2.93
N HIS A 302 -7.46 -9.95 3.22
CA HIS A 302 -7.90 -9.43 4.49
C HIS A 302 -7.34 -10.15 5.68
N GLU A 303 -7.32 -11.47 5.66
CA GLU A 303 -6.75 -12.18 6.77
C GLU A 303 -5.27 -12.07 6.94
N ASN A 304 -4.54 -12.13 5.85
CA ASN A 304 -3.12 -11.95 5.92
C ASN A 304 -2.78 -10.57 6.36
N ARG A 305 -3.54 -9.62 5.89
CA ARG A 305 -3.34 -8.28 6.34
C ARG A 305 -3.63 -8.28 7.80
N HIS A 306 -4.71 -8.92 8.18
CA HIS A 306 -5.07 -9.01 9.58
C HIS A 306 -4.05 -9.79 10.37
N GLY A 307 -3.51 -10.83 9.81
CA GLY A 307 -2.53 -11.60 10.54
C GLY A 307 -1.27 -10.85 10.82
N LEU A 308 -0.77 -10.17 9.80
CA LEU A 308 0.38 -9.31 9.90
C LEU A 308 0.26 -8.05 10.72
N PHE A 309 -0.87 -7.38 10.66
CA PHE A 309 -0.96 -6.09 11.32
C PHE A 309 -1.78 -6.00 12.58
N HIS A 310 -2.40 -7.07 13.01
CA HIS A 310 -3.15 -7.01 14.23
C HIS A 310 -2.15 -7.00 15.35
N MET A 311 -2.32 -6.10 16.29
CA MET A 311 -1.42 -6.03 17.41
C MET A 311 -2.16 -6.20 18.71
N LYS A 312 -1.61 -7.01 19.59
CA LYS A 312 -2.14 -7.15 20.92
C LYS A 312 -1.81 -5.91 21.69
N PRO A 313 -2.73 -5.39 22.48
CA PRO A 313 -2.40 -4.22 23.27
C PRO A 313 -1.47 -4.64 24.35
N GLY A 314 -0.52 -3.78 24.71
CA GLY A 314 0.40 -4.06 25.77
C GLY A 314 1.65 -4.81 25.39
N ILE A 315 1.91 -4.92 24.10
CA ILE A 315 2.94 -5.78 23.63
C ILE A 315 3.94 -4.98 22.80
N ALA A 316 5.16 -5.47 22.72
CA ALA A 316 6.20 -4.87 21.94
C ALA A 316 6.87 -5.90 21.07
N ASP A 317 6.20 -6.22 19.98
CA ASP A 317 6.55 -7.26 19.05
C ASP A 317 7.86 -6.95 18.41
N THR A 318 8.70 -7.96 18.28
CA THR A 318 9.91 -7.90 17.48
C THR A 318 9.96 -9.09 16.58
N LYS A 319 8.84 -9.72 16.37
CA LYS A 319 8.83 -10.96 15.64
C LYS A 319 9.13 -10.73 14.20
N THR A 320 9.44 -11.81 13.51
CA THR A 320 9.99 -11.77 12.19
C THR A 320 9.23 -12.81 11.42
N ILE A 321 9.21 -12.72 10.10
CA ILE A 321 8.41 -13.61 9.28
C ILE A 321 9.35 -14.50 8.52
N ASN A 322 9.07 -15.78 8.59
CA ASN A 322 9.93 -16.83 8.11
C ASN A 322 9.97 -16.82 6.61
N LYS A 323 10.98 -17.41 5.98
CA LYS A 323 11.02 -17.39 4.53
C LYS A 323 9.92 -18.15 3.83
N LEU A 324 9.72 -19.38 4.24
CA LEU A 324 8.68 -20.17 3.65
C LEU A 324 7.41 -19.42 3.90
N GLU A 325 7.42 -18.79 5.05
CA GLU A 325 6.28 -18.13 5.57
C GLU A 325 5.93 -17.12 4.51
N SER A 326 6.91 -16.36 4.05
CA SER A 326 6.70 -15.43 2.96
C SER A 326 6.45 -16.04 1.59
N ILE A 327 7.10 -17.12 1.26
CA ILE A 327 6.91 -17.68 -0.06
C ILE A 327 5.49 -18.06 -0.29
N ALA A 328 4.84 -18.62 0.72
CA ALA A 328 3.54 -19.16 0.54
C ALA A 328 2.68 -18.05 0.08
N ILE A 329 2.87 -16.91 0.71
CA ILE A 329 2.08 -15.74 0.40
C ILE A 329 2.34 -15.16 -0.96
N ILE A 330 3.58 -14.97 -1.31
CA ILE A 330 3.85 -14.32 -2.55
C ILE A 330 3.26 -15.19 -3.60
N ASP A 331 3.57 -16.46 -3.52
CA ASP A 331 3.18 -17.40 -4.53
C ASP A 331 1.70 -17.50 -4.61
N THR A 332 1.05 -17.49 -3.46
CA THR A 332 -0.37 -17.69 -3.42
C THR A 332 -1.08 -16.58 -4.10
N VAL A 333 -0.56 -15.39 -3.95
CA VAL A 333 -1.17 -14.24 -4.56
C VAL A 333 -1.12 -14.28 -6.06
N CYS A 334 0.02 -14.59 -6.62
CA CYS A 334 0.14 -14.56 -8.05
C CYS A 334 -0.85 -15.52 -8.63
N GLN A 335 -1.02 -16.63 -7.98
CA GLN A 335 -1.93 -17.63 -8.48
C GLN A 335 -3.32 -17.08 -8.51
N LEU A 336 -3.71 -16.37 -7.48
CA LEU A 336 -5.03 -15.79 -7.47
C LEU A 336 -5.14 -14.83 -8.61
N ILE A 337 -4.15 -13.97 -8.75
CA ILE A 337 -4.20 -12.96 -9.79
C ILE A 337 -4.20 -13.60 -11.14
N ASP A 338 -3.26 -14.48 -11.39
CA ASP A 338 -3.18 -15.13 -12.69
C ASP A 338 -4.40 -15.97 -12.91
N GLY A 339 -4.82 -16.67 -11.87
CA GLY A 339 -5.99 -17.49 -11.96
C GLY A 339 -7.22 -16.68 -12.20
N GLY A 340 -7.33 -15.54 -11.56
CA GLY A 340 -8.51 -14.74 -11.70
C GLY A 340 -8.67 -14.27 -13.11
N VAL A 341 -7.59 -13.83 -13.71
CA VAL A 341 -7.67 -13.33 -15.05
C VAL A 341 -8.09 -14.40 -16.01
N ALA A 342 -7.54 -15.58 -15.88
CA ALA A 342 -7.92 -16.63 -16.78
C ALA A 342 -9.37 -16.97 -16.60
N ARG A 343 -9.81 -17.09 -15.35
CA ARG A 343 -11.14 -17.56 -15.09
C ARG A 343 -12.17 -16.57 -15.57
N LEU A 344 -11.74 -15.33 -15.68
CA LEU A 344 -12.56 -14.21 -16.10
C LEU A 344 -11.99 -13.78 -17.43
N LYS A 345 -12.18 -14.60 -18.44
CA LYS A 345 -11.40 -14.46 -19.64
C LYS A 345 -11.46 -13.06 -20.23
N LEU B 3 15.88 -0.20 2.46
CA LEU B 3 15.69 -1.27 3.43
C LEU B 3 16.19 -0.85 4.77
N VAL B 4 15.28 -0.58 5.69
CA VAL B 4 15.64 0.09 6.90
C VAL B 4 14.88 -0.45 8.07
N LYS B 5 15.31 -0.13 9.28
CA LYS B 5 14.63 -0.62 10.45
C LYS B 5 13.71 0.44 10.90
N VAL B 6 12.48 0.07 11.15
CA VAL B 6 11.47 1.01 11.48
C VAL B 6 10.90 0.56 12.79
N VAL B 7 10.42 1.50 13.58
CA VAL B 7 9.74 1.20 14.82
C VAL B 7 8.40 1.83 14.71
N PHE B 8 7.35 1.07 14.94
CA PHE B 8 6.02 1.61 14.88
C PHE B 8 5.53 1.68 16.27
N MET B 9 4.79 2.72 16.58
CA MET B 9 4.26 2.89 17.87
C MET B 9 2.83 3.17 17.76
N GLY B 10 1.99 2.50 18.54
CA GLY B 10 0.57 2.70 18.40
C GLY B 10 -0.16 2.89 19.70
N TRP B 11 -1.24 3.65 19.66
CA TRP B 11 -2.06 3.90 20.81
C TRP B 11 -3.49 3.56 20.48
N PHE B 12 -4.11 2.68 21.24
CA PHE B 12 -5.50 2.34 21.07
C PHE B 12 -6.38 3.41 21.66
N LYS B 13 -7.67 3.29 21.46
CA LYS B 13 -8.59 4.32 21.89
C LYS B 13 -8.53 4.43 23.38
N ASN B 14 -8.18 3.33 24.03
CA ASN B 14 -8.24 3.27 25.47
C ASN B 14 -6.95 3.68 26.11
N GLU B 15 -5.99 4.05 25.26
CA GLU B 15 -4.79 4.63 25.75
C GLU B 15 -3.76 3.57 26.06
N SER B 16 -4.06 2.35 25.66
CA SER B 16 -3.15 1.23 25.77
C SER B 16 -2.14 1.47 24.69
N MET B 17 -1.16 0.59 24.53
CA MET B 17 -0.08 0.88 23.62
C MET B 17 0.47 -0.33 22.95
N PHE B 18 1.02 -0.17 21.76
CA PHE B 18 1.66 -1.28 21.11
C PHE B 18 2.86 -0.80 20.36
N THR B 19 3.75 -1.70 20.01
CA THR B 19 5.01 -1.30 19.46
C THR B 19 5.48 -2.40 18.59
N LYS B 20 6.19 -2.07 17.53
CA LYS B 20 6.73 -3.06 16.61
C LYS B 20 8.02 -2.55 16.02
N GLU B 21 8.95 -3.45 15.75
CA GLU B 21 10.16 -3.11 15.07
C GLU B 21 10.22 -3.98 13.85
N ILE B 22 10.37 -3.39 12.68
CA ILE B 22 10.48 -4.18 11.47
C ILE B 22 11.57 -3.61 10.63
N THR B 23 12.16 -4.47 9.81
CA THR B 23 13.08 -4.00 8.83
C THR B 23 12.43 -4.20 7.50
N MET B 24 12.25 -3.12 6.75
CA MET B 24 11.50 -3.18 5.54
C MET B 24 11.89 -2.07 4.61
N MET B 25 11.51 -2.17 3.36
CA MET B 25 11.81 -1.15 2.37
C MET B 25 11.04 0.11 2.64
N LYS B 26 11.69 1.22 2.50
CA LYS B 26 11.23 2.48 3.02
C LYS B 26 9.93 2.88 2.44
N ASP B 27 9.73 2.56 1.19
CA ASP B 27 8.62 3.10 0.45
C ASP B 27 7.30 2.49 0.87
N ASP B 28 7.36 1.43 1.63
CA ASP B 28 6.16 0.77 2.08
C ASP B 28 5.72 1.29 3.43
N VAL B 29 6.51 2.15 4.04
CA VAL B 29 6.28 2.49 5.42
C VAL B 29 4.97 3.16 5.65
N GLN B 30 4.62 4.11 4.83
CA GLN B 30 3.38 4.78 5.07
C GLN B 30 2.27 3.80 4.95
N TRP B 31 2.32 2.98 3.93
CA TRP B 31 1.24 2.10 3.67
C TRP B 31 1.15 1.23 4.86
N ALA B 32 2.29 0.78 5.33
CA ALA B 32 2.32 -0.13 6.44
C ALA B 32 1.70 0.57 7.59
N THR B 33 2.05 1.81 7.78
CA THR B 33 1.58 2.54 8.92
C THR B 33 0.10 2.59 8.83
N THR B 34 -0.38 2.76 7.64
CA THR B 34 -1.79 2.89 7.39
C THR B 34 -2.48 1.65 7.82
N GLN B 35 -1.88 0.53 7.53
CA GLN B 35 -2.51 -0.72 7.82
C GLN B 35 -2.65 -0.94 9.30
N TYR B 36 -1.64 -0.60 10.07
CA TYR B 36 -1.67 -0.85 11.47
C TYR B 36 -2.79 -0.11 12.08
N ALA B 37 -2.94 1.13 11.71
CA ALA B 37 -4.01 1.93 12.22
C ALA B 37 -5.37 1.46 11.80
N GLU B 38 -5.50 1.12 10.53
CA GLU B 38 -6.79 0.68 10.05
C GLU B 38 -7.20 -0.61 10.70
N VAL B 39 -6.30 -1.55 10.84
CA VAL B 39 -6.61 -2.80 11.50
C VAL B 39 -6.97 -2.72 12.96
N ASN B 40 -6.19 -1.96 13.72
CA ASN B 40 -6.37 -1.85 15.16
C ASN B 40 -7.13 -0.65 15.60
N LYS B 41 -7.57 0.18 14.68
CA LYS B 41 -8.29 1.37 15.05
C LYS B 41 -7.47 2.19 16.00
N ALA B 42 -6.25 2.44 15.59
CA ALA B 42 -5.24 3.00 16.44
C ALA B 42 -4.53 4.14 15.79
N LEU B 43 -3.79 4.89 16.59
CA LEU B 43 -2.97 5.95 16.07
C LEU B 43 -1.59 5.40 16.07
N VAL B 44 -0.92 5.49 14.94
CA VAL B 44 0.38 4.89 14.74
C VAL B 44 1.35 5.91 14.22
N LYS B 45 2.57 5.90 14.73
CA LYS B 45 3.59 6.81 14.26
C LYS B 45 4.74 5.94 13.90
N ALA B 46 5.51 6.32 12.91
CA ALA B 46 6.56 5.47 12.46
C ALA B 46 7.82 6.22 12.55
N PHE B 47 8.84 5.62 13.13
CA PHE B 47 10.09 6.30 13.37
C PHE B 47 11.19 5.60 12.65
N ILE B 48 12.01 6.35 11.94
CA ILE B 48 13.23 5.78 11.39
C ILE B 48 14.41 6.53 11.94
N ASP B 49 15.35 5.83 12.51
CA ASP B 49 16.50 6.48 13.05
C ASP B 49 16.07 7.50 14.06
N ASP B 50 14.99 7.22 14.76
CA ASP B 50 14.60 8.04 15.87
C ASP B 50 13.84 9.26 15.45
N LYS B 51 13.41 9.33 14.21
CA LYS B 51 12.71 10.49 13.73
C LYS B 51 11.41 10.07 13.15
N LYS B 52 10.40 10.91 13.21
CA LYS B 52 9.08 10.50 12.82
C LYS B 52 8.76 10.85 11.40
N VAL B 53 8.65 9.84 10.57
CA VAL B 53 8.41 10.02 9.17
C VAL B 53 6.97 9.89 8.74
N CYS B 54 6.13 9.29 9.55
CA CYS B 54 4.75 9.16 9.15
C CYS B 54 3.82 8.98 10.31
N GLU B 55 2.57 9.39 10.16
CA GLU B 55 1.62 9.22 11.20
C GLU B 55 0.27 9.02 10.62
N VAL B 56 -0.54 8.16 11.22
CA VAL B 56 -1.90 7.98 10.79
C VAL B 56 -2.79 7.76 11.99
N ASP B 57 -4.03 8.22 11.95
CA ASP B 57 -4.92 8.02 13.08
C ASP B 57 -6.24 7.44 12.64
N CYS B 58 -6.64 6.34 13.25
CA CYS B 58 -7.92 5.74 12.95
C CYS B 58 -8.81 5.45 14.13
N ARG B 59 -8.66 6.15 15.23
CA ARG B 59 -9.49 5.89 16.38
C ARG B 59 -10.83 6.54 16.14
#